data_6R67
#
_entry.id   6R67
#
_cell.length_a   42.319
_cell.length_b   84.965
_cell.length_c   63.891
_cell.angle_alpha   90.00
_cell.angle_beta   90.00
_cell.angle_gamma   90.00
#
_symmetry.space_group_name_H-M   'P 21 21 2'
#
loop_
_entity.id
_entity.type
_entity.pdbx_description
1 polymer Transthyretin
2 non-polymer '(2~{R})-2-[4-(3,5-dimethylphenyl)-3-fluoranyl-phenyl]propanoic acid'
3 water water
#
_entity_poly.entity_id   1
_entity_poly.type   'polypeptide(L)'
_entity_poly.pdbx_seq_one_letter_code
;MASHRLLLLCLAGLVFVSEAGPTGTGESKCPLMVKVLDAVRGSPAINVAVHVFRKAADDTWEPFASGKTSESGELHGLTT
EEEFVEGIYKVEIDTKSYWKALGISPFHEHAEVVFTANDSGPRRYTIAALLSPYSYSTTAVVTNPKE
;
_entity_poly.pdbx_strand_id   A,B
#
# COMPACT_ATOMS: atom_id res chain seq x y z
N CYS A 30 -14.13 18.48 6.97
CA CYS A 30 -13.76 17.20 6.31
C CYS A 30 -12.24 17.05 6.41
N PRO A 31 -11.69 16.55 7.52
CA PRO A 31 -10.25 16.44 7.64
C PRO A 31 -9.63 15.27 6.86
N LEU A 32 -10.43 14.31 6.39
CA LEU A 32 -9.92 13.13 5.68
C LEU A 32 -10.82 12.85 4.49
N MET A 33 -10.27 12.93 3.26
N MET A 33 -10.20 12.81 3.32
CA MET A 33 -11.02 12.58 2.02
CA MET A 33 -10.89 12.56 2.05
C MET A 33 -10.16 11.60 1.23
C MET A 33 -10.11 11.43 1.36
N VAL A 34 -10.79 10.59 0.61
CA VAL A 34 -10.12 9.57 -0.23
C VAL A 34 -10.61 9.79 -1.64
N LYS A 35 -9.70 9.70 -2.61
N LYS A 35 -9.68 9.79 -2.59
CA LYS A 35 -9.99 9.94 -4.06
CA LYS A 35 -10.00 9.86 -4.02
C LYS A 35 -9.32 8.82 -4.84
C LYS A 35 -9.37 8.64 -4.68
N VAL A 36 -10.09 8.08 -5.63
CA VAL A 36 -9.58 6.88 -6.33
C VAL A 36 -9.84 7.05 -7.81
N LEU A 37 -8.82 6.76 -8.60
CA LEU A 37 -8.85 6.82 -10.07
C LEU A 37 -8.46 5.48 -10.65
N ASP A 38 -8.98 5.24 -11.85
CA ASP A 38 -8.80 3.98 -12.60
C ASP A 38 -7.92 4.25 -13.82
N ALA A 39 -6.74 3.68 -13.82
CA ALA A 39 -5.72 3.88 -14.88
C ALA A 39 -5.96 3.00 -16.11
N VAL A 40 -6.89 2.06 -16.07
CA VAL A 40 -7.24 1.22 -17.24
C VAL A 40 -8.32 1.92 -18.05
N ARG A 41 -9.37 2.42 -17.43
CA ARG A 41 -10.53 3.05 -18.09
C ARG A 41 -10.33 4.54 -18.22
N GLY A 42 -9.41 5.13 -17.48
CA GLY A 42 -9.24 6.57 -17.52
C GLY A 42 -10.46 7.26 -16.98
N SER A 43 -10.90 6.82 -15.80
N SER A 43 -10.80 6.92 -15.75
CA SER A 43 -12.14 7.32 -15.14
CA SER A 43 -12.05 7.39 -15.11
C SER A 43 -11.84 7.52 -13.66
C SER A 43 -11.88 7.44 -13.62
N PRO A 44 -12.81 8.08 -12.88
CA PRO A 44 -12.85 7.85 -11.46
C PRO A 44 -13.11 6.36 -11.23
N ALA A 45 -12.66 5.86 -10.08
CA ALA A 45 -12.99 4.50 -9.62
C ALA A 45 -14.24 4.62 -8.78
N ILE A 46 -15.35 4.24 -9.34
CA ILE A 46 -16.70 4.47 -8.76
C ILE A 46 -17.14 3.25 -7.96
N ASN A 47 -17.77 3.51 -6.81
CA ASN A 47 -18.39 2.47 -5.98
C ASN A 47 -17.31 1.52 -5.48
N VAL A 48 -16.14 2.05 -5.13
CA VAL A 48 -15.08 1.27 -4.44
C VAL A 48 -15.31 1.37 -2.94
N ALA A 49 -15.30 0.25 -2.26
CA ALA A 49 -15.40 0.21 -0.78
C ALA A 49 -14.08 0.66 -0.21
N VAL A 50 -14.14 1.51 0.80
CA VAL A 50 -12.95 2.05 1.50
C VAL A 50 -13.20 1.91 2.99
N HIS A 51 -12.29 1.31 3.71
CA HIS A 51 -12.39 1.17 5.18
C HIS A 51 -11.19 1.83 5.80
N VAL A 52 -11.44 2.67 6.76
CA VAL A 52 -10.39 3.35 7.58
C VAL A 52 -10.36 2.74 8.96
N PHE A 53 -9.20 2.48 9.45
CA PHE A 53 -8.93 1.92 10.77
C PHE A 53 -7.97 2.84 11.50
N ARG A 54 -8.06 2.88 12.82
N ARG A 54 -8.14 2.85 12.82
CA ARG A 54 -7.10 3.61 13.67
CA ARG A 54 -7.22 3.44 13.80
C ARG A 54 -6.38 2.59 14.56
C ARG A 54 -6.32 2.36 14.36
N LYS A 55 -5.07 2.69 14.66
CA LYS A 55 -4.27 1.74 15.46
C LYS A 55 -4.53 1.96 16.95
N ALA A 56 -5.00 0.92 17.62
CA ALA A 56 -5.29 0.91 19.07
C ALA A 56 -3.99 0.74 19.85
N ALA A 57 -4.10 0.89 21.17
CA ALA A 57 -2.97 0.80 22.13
C ALA A 57 -2.30 -0.58 22.05
N ASP A 58 -3.07 -1.64 21.78
CA ASP A 58 -2.59 -3.05 21.69
C ASP A 58 -2.18 -3.41 20.27
N ASP A 59 -2.00 -2.41 19.39
CA ASP A 59 -1.47 -2.57 18.01
C ASP A 59 -2.49 -3.23 17.08
N THR A 60 -3.73 -3.42 17.50
CA THR A 60 -4.80 -3.91 16.60
C THR A 60 -5.36 -2.72 15.82
N TRP A 61 -6.10 -3.01 14.78
CA TRP A 61 -6.72 -2.01 13.87
C TRP A 61 -8.21 -1.88 14.22
N GLU A 62 -8.61 -0.76 14.80
CA GLU A 62 -10.00 -0.47 15.25
C GLU A 62 -10.78 0.17 14.09
N PRO A 63 -11.93 -0.36 13.65
CA PRO A 63 -12.70 0.32 12.62
C PRO A 63 -12.90 1.76 13.05
N PHE A 64 -12.84 2.65 12.08
CA PHE A 64 -12.90 4.10 12.29
C PHE A 64 -13.95 4.76 11.43
N ALA A 65 -13.98 4.45 10.12
CA ALA A 65 -14.91 5.10 9.13
C ALA A 65 -14.89 4.21 7.90
N SER A 66 -15.94 4.27 7.13
CA SER A 66 -15.95 3.56 5.84
C SER A 66 -17.01 4.14 4.94
N GLY A 67 -16.91 3.81 3.66
CA GLY A 67 -17.89 4.22 2.69
C GLY A 67 -17.49 3.74 1.33
N LYS A 68 -18.23 4.19 0.34
CA LYS A 68 -18.01 3.79 -1.07
C LYS A 68 -17.77 5.07 -1.84
N THR A 69 -16.78 5.05 -2.73
CA THR A 69 -16.54 6.21 -3.59
C THR A 69 -17.76 6.55 -4.46
N SER A 70 -17.92 7.83 -4.66
CA SER A 70 -19.00 8.43 -5.45
C SER A 70 -18.71 8.27 -6.95
N GLU A 71 -19.62 8.83 -7.73
CA GLU A 71 -19.43 8.91 -9.20
C GLU A 71 -18.18 9.70 -9.59
N SER A 72 -17.65 10.56 -8.73
CA SER A 72 -16.41 11.31 -9.01
C SER A 72 -15.18 10.59 -8.42
N GLY A 73 -15.36 9.38 -7.89
CA GLY A 73 -14.24 8.63 -7.27
C GLY A 73 -13.84 9.14 -5.92
N GLU A 74 -14.69 9.97 -5.31
CA GLU A 74 -14.32 10.61 -4.02
C GLU A 74 -15.17 10.03 -2.92
N LEU A 75 -14.63 10.06 -1.74
CA LEU A 75 -15.34 9.68 -0.52
C LEU A 75 -15.10 10.79 0.50
N HIS A 76 -16.16 11.54 0.74
CA HIS A 76 -16.24 12.69 1.66
C HIS A 76 -16.97 12.21 2.92
N GLY A 77 -16.91 13.01 3.98
CA GLY A 77 -17.75 12.81 5.18
C GLY A 77 -17.31 11.63 6.01
N LEU A 78 -16.08 11.13 5.87
CA LEU A 78 -15.63 9.99 6.66
C LEU A 78 -15.59 10.33 8.15
N THR A 79 -15.08 11.50 8.50
CA THR A 79 -14.89 11.82 9.93
C THR A 79 -15.07 13.31 10.14
N THR A 80 -14.81 13.71 11.36
CA THR A 80 -15.00 15.10 11.79
C THR A 80 -13.71 15.50 12.46
N GLU A 81 -13.51 16.80 12.56
CA GLU A 81 -12.32 17.30 13.25
C GLU A 81 -12.26 16.71 14.66
N GLU A 82 -13.38 16.69 15.37
CA GLU A 82 -13.37 16.24 16.79
C GLU A 82 -12.95 14.76 16.88
N GLU A 83 -13.33 13.95 15.89
CA GLU A 83 -13.05 12.51 15.95
C GLU A 83 -11.64 12.13 15.46
N PHE A 84 -11.08 12.91 14.57
CA PHE A 84 -9.82 12.59 13.88
C PHE A 84 -8.60 13.08 14.67
N VAL A 85 -8.18 12.34 15.63
CA VAL A 85 -7.06 12.69 16.53
C VAL A 85 -5.75 12.19 15.93
N GLU A 86 -4.64 12.67 16.43
CA GLU A 86 -3.30 12.17 16.02
C GLU A 86 -3.28 10.67 16.24
N GLY A 87 -2.52 9.95 15.42
CA GLY A 87 -2.31 8.51 15.57
C GLY A 87 -2.07 7.89 14.22
N ILE A 88 -1.96 6.59 14.19
CA ILE A 88 -1.68 5.86 12.93
C ILE A 88 -3.03 5.40 12.41
N TYR A 89 -3.25 5.61 11.13
CA TYR A 89 -4.47 5.21 10.41
C TYR A 89 -4.10 4.30 9.26
N LYS A 90 -5.00 3.42 8.92
CA LYS A 90 -4.88 2.54 7.73
C LYS A 90 -6.10 2.78 6.87
N VAL A 91 -5.92 3.09 5.61
CA VAL A 91 -7.01 3.20 4.64
C VAL A 91 -6.92 1.97 3.76
N GLU A 92 -7.90 1.11 3.84
N GLU A 92 -7.91 1.11 3.79
CA GLU A 92 -7.97 -0.08 2.97
CA GLU A 92 -7.90 -0.13 2.99
C GLU A 92 -8.92 0.25 1.84
C GLU A 92 -8.94 0.01 1.88
N ILE A 93 -8.49 -0.04 0.62
CA ILE A 93 -9.30 0.19 -0.58
C ILE A 93 -9.57 -1.18 -1.17
N ASP A 94 -10.82 -1.50 -1.40
N ASP A 94 -10.83 -1.61 -1.28
CA ASP A 94 -11.18 -2.89 -1.76
CA ASP A 94 -11.12 -2.98 -1.77
C ASP A 94 -11.06 -3.05 -3.29
C ASP A 94 -11.04 -2.99 -3.31
N THR A 95 -9.83 -3.04 -3.76
CA THR A 95 -9.56 -3.05 -5.21
C THR A 95 -9.97 -4.36 -5.83
N LYS A 96 -9.87 -5.47 -5.13
CA LYS A 96 -10.12 -6.76 -5.78
C LYS A 96 -11.56 -6.81 -6.25
N SER A 97 -12.50 -6.39 -5.37
CA SER A 97 -13.94 -6.39 -5.71
C SER A 97 -14.21 -5.41 -6.86
N TYR A 98 -13.49 -4.28 -6.85
CA TYR A 98 -13.65 -3.26 -7.89
C TYR A 98 -13.37 -3.88 -9.25
N TRP A 99 -12.19 -4.50 -9.37
CA TRP A 99 -11.73 -5.06 -10.65
C TRP A 99 -12.63 -6.21 -11.06
N LYS A 100 -12.99 -7.07 -10.10
N LYS A 100 -13.03 -7.06 -10.14
CA LYS A 100 -13.90 -8.22 -10.36
CA LYS A 100 -13.84 -8.23 -10.59
C LYS A 100 -15.19 -7.71 -11.01
C LYS A 100 -15.27 -7.77 -10.95
N ALA A 101 -15.78 -6.66 -10.43
CA ALA A 101 -17.09 -6.16 -10.90
C ALA A 101 -16.98 -5.61 -12.31
N LEU A 102 -15.79 -5.21 -12.77
CA LEU A 102 -15.54 -4.76 -14.15
C LEU A 102 -15.11 -5.91 -15.05
N GLY A 103 -14.99 -7.11 -14.56
CA GLY A 103 -14.59 -8.31 -15.34
C GLY A 103 -13.11 -8.40 -15.54
N ILE A 104 -12.30 -7.78 -14.66
CA ILE A 104 -10.83 -7.70 -14.83
C ILE A 104 -10.18 -8.49 -13.73
N SER A 105 -9.16 -9.29 -14.08
CA SER A 105 -8.39 -10.13 -13.15
C SER A 105 -7.36 -9.27 -12.43
N PRO A 106 -7.49 -9.17 -11.10
CA PRO A 106 -6.54 -8.34 -10.38
C PRO A 106 -5.50 -9.12 -9.55
N PHE A 107 -4.45 -8.47 -9.20
CA PHE A 107 -3.33 -9.07 -8.44
C PHE A 107 -3.56 -8.94 -6.94
N HIS A 108 -3.90 -7.76 -6.46
CA HIS A 108 -3.87 -7.46 -5.03
C HIS A 108 -5.16 -7.91 -4.37
N GLU A 109 -5.06 -8.26 -3.09
CA GLU A 109 -6.28 -8.48 -2.28
C GLU A 109 -6.97 -7.15 -2.00
N HIS A 110 -6.23 -6.12 -1.76
CA HIS A 110 -6.74 -4.76 -1.46
C HIS A 110 -5.55 -3.87 -1.53
N ALA A 111 -5.76 -2.56 -1.55
CA ALA A 111 -4.68 -1.58 -1.44
C ALA A 111 -4.73 -1.07 -0.01
N GLU A 112 -3.58 -0.74 0.52
N GLU A 112 -3.60 -0.81 0.63
CA GLU A 112 -3.43 -0.29 1.92
CA GLU A 112 -3.60 -0.29 2.03
C GLU A 112 -2.68 1.04 1.86
C GLU A 112 -2.62 0.85 2.19
N VAL A 113 -3.12 2.00 2.67
CA VAL A 113 -2.32 3.22 2.85
C VAL A 113 -2.23 3.43 4.35
N VAL A 114 -1.04 3.44 4.90
CA VAL A 114 -0.88 3.52 6.38
C VAL A 114 -0.05 4.74 6.68
N PHE A 115 -0.52 5.62 7.57
CA PHE A 115 0.15 6.93 7.78
C PHE A 115 -0.16 7.41 9.16
N THR A 116 0.67 8.33 9.64
CA THR A 116 0.42 9.06 10.90
C THR A 116 -0.23 10.40 10.62
N ALA A 117 -1.31 10.69 11.33
CA ALA A 117 -1.90 12.03 11.38
C ALA A 117 -1.13 12.82 12.44
N ASN A 118 -0.65 14.00 12.07
CA ASN A 118 0.24 14.79 12.95
C ASN A 118 -0.35 16.20 12.95
N ASP A 119 -0.71 16.73 14.12
CA ASP A 119 -1.36 18.05 14.24
C ASP A 119 -0.33 19.14 13.90
N SER A 120 0.98 18.88 13.89
CA SER A 120 2.00 19.83 13.36
C SER A 120 1.79 19.93 11.84
N GLY A 121 1.81 21.11 11.25
CA GLY A 121 1.52 21.21 9.80
C GLY A 121 0.08 20.78 9.45
N PRO A 122 -0.25 20.61 8.15
CA PRO A 122 -1.60 20.98 7.70
C PRO A 122 -2.72 20.03 8.15
N ARG A 123 -3.96 20.52 8.14
N ARG A 123 -3.93 20.63 8.14
CA ARG A 123 -5.01 19.81 8.90
CA ARG A 123 -5.18 20.18 8.80
C ARG A 123 -6.01 19.13 7.97
C ARG A 123 -5.87 19.09 7.98
N ARG A 124 -5.86 19.22 6.64
CA ARG A 124 -6.77 18.46 5.74
C ARG A 124 -5.95 17.42 4.97
N TYR A 125 -6.33 16.17 5.08
CA TYR A 125 -5.66 15.03 4.43
C TYR A 125 -6.51 14.53 3.28
N THR A 126 -5.94 14.49 2.10
CA THR A 126 -6.49 13.75 0.96
C THR A 126 -5.57 12.57 0.67
N ILE A 127 -6.11 11.39 0.73
CA ILE A 127 -5.40 10.16 0.28
C ILE A 127 -5.88 9.86 -1.12
N ALA A 128 -5.01 9.96 -2.11
CA ALA A 128 -5.36 9.70 -3.51
C ALA A 128 -4.70 8.43 -3.97
N ALA A 129 -5.38 7.62 -4.75
CA ALA A 129 -4.90 6.33 -5.23
C ALA A 129 -5.24 6.18 -6.69
N LEU A 130 -4.33 5.62 -7.45
CA LEU A 130 -4.46 5.38 -8.89
C LEU A 130 -4.30 3.89 -9.12
N LEU A 131 -5.34 3.26 -9.62
CA LEU A 131 -5.41 1.78 -9.66
C LEU A 131 -5.13 1.18 -11.03
N SER A 132 -4.35 0.12 -11.06
CA SER A 132 -4.20 -0.76 -12.22
C SER A 132 -4.34 -2.18 -11.71
N PRO A 133 -4.54 -3.16 -12.60
CA PRO A 133 -4.78 -4.49 -12.11
C PRO A 133 -3.60 -5.07 -11.35
N TYR A 134 -2.35 -4.77 -11.70
CA TYR A 134 -1.13 -5.31 -11.08
C TYR A 134 -0.30 -4.24 -10.43
N SER A 135 -0.91 -3.09 -10.18
N SER A 135 -0.76 -2.99 -10.38
CA SER A 135 -0.12 -1.96 -9.67
CA SER A 135 0.00 -1.85 -9.81
C SER A 135 -1.04 -0.95 -9.02
C SER A 135 -0.96 -0.90 -9.11
N TYR A 136 -0.51 -0.19 -8.08
CA TYR A 136 -1.20 1.03 -7.66
C TYR A 136 -0.20 2.02 -7.16
N SER A 137 -0.57 3.28 -7.36
N SER A 137 -0.61 3.26 -7.22
N SER A 137 -0.67 3.25 -7.15
CA SER A 137 0.16 4.48 -6.89
CA SER A 137 0.22 4.34 -6.66
CA SER A 137 0.12 4.42 -6.77
C SER A 137 -0.71 5.16 -5.81
C SER A 137 -0.69 5.21 -5.83
C SER A 137 -0.73 5.22 -5.81
N THR A 138 -0.09 5.83 -4.84
CA THR A 138 -0.84 6.65 -3.87
C THR A 138 -0.01 7.85 -3.51
N THR A 139 -0.68 8.96 -3.25
CA THR A 139 -0.02 10.16 -2.73
C THR A 139 -0.88 10.76 -1.65
N ALA A 140 -0.31 11.66 -0.92
CA ALA A 140 -1.02 12.43 0.12
C ALA A 140 -1.02 13.89 -0.27
N VAL A 141 -2.14 14.52 -0.15
CA VAL A 141 -2.26 15.98 -0.41
C VAL A 141 -2.72 16.58 0.90
N VAL A 142 -1.81 17.23 1.62
CA VAL A 142 -2.07 17.69 3.00
C VAL A 142 -1.99 19.21 2.97
N THR A 143 -3.09 19.87 3.33
CA THR A 143 -3.26 21.32 3.10
C THR A 143 -4.03 21.95 4.25
N ASN A 144 -3.99 23.28 4.30
CA ASN A 144 -4.88 24.15 5.12
C ASN A 144 -5.87 24.87 4.22
N PRO A 145 -7.09 25.20 4.71
CA PRO A 145 -8.10 25.88 3.89
C PRO A 145 -7.71 27.29 3.44
N CYS B 30 14.68 -18.26 -7.12
CA CYS B 30 14.31 -17.12 -6.23
C CYS B 30 12.88 -16.69 -6.56
N PRO B 31 11.86 -17.22 -5.86
CA PRO B 31 10.50 -16.98 -6.31
C PRO B 31 9.87 -15.69 -5.81
N LEU B 32 10.49 -15.01 -4.86
CA LEU B 32 9.99 -13.70 -4.37
C LEU B 32 11.14 -12.74 -4.26
N MET B 33 11.21 -11.72 -5.14
N MET B 33 11.02 -11.61 -4.92
CA MET B 33 12.25 -10.63 -5.18
CA MET B 33 12.07 -10.59 -4.92
C MET B 33 11.56 -9.26 -5.00
C MET B 33 11.40 -9.24 -4.78
N VAL B 34 12.20 -8.33 -4.27
CA VAL B 34 11.70 -6.95 -4.07
C VAL B 34 12.76 -6.02 -4.63
N LYS B 35 12.34 -5.03 -5.40
CA LYS B 35 13.21 -4.00 -5.98
C LYS B 35 12.65 -2.63 -5.68
N VAL B 36 13.49 -1.75 -5.18
CA VAL B 36 12.98 -0.42 -4.75
C VAL B 36 13.87 0.68 -5.32
N LEU B 37 13.23 1.68 -5.86
CA LEU B 37 13.88 2.88 -6.44
C LEU B 37 13.48 4.12 -5.64
N ASP B 38 14.36 5.12 -5.67
CA ASP B 38 14.14 6.41 -4.98
C ASP B 38 13.92 7.49 -6.04
N ALA B 39 12.75 8.08 -6.05
CA ALA B 39 12.31 9.06 -7.04
C ALA B 39 12.79 10.47 -6.73
N VAL B 40 13.42 10.71 -5.60
CA VAL B 40 14.00 12.02 -5.24
C VAL B 40 15.44 12.06 -5.71
N ARG B 41 16.21 11.00 -5.41
N ARG B 41 16.24 11.05 -5.51
CA ARG B 41 17.68 10.79 -5.65
CA ARG B 41 17.65 11.20 -5.96
C ARG B 41 17.92 10.28 -7.08
C ARG B 41 17.83 10.55 -7.30
N GLY B 42 16.93 9.68 -7.73
CA GLY B 42 17.16 9.00 -9.01
C GLY B 42 18.16 7.91 -8.86
N SER B 43 17.95 7.06 -7.84
N SER B 43 17.88 6.96 -7.96
CA SER B 43 18.90 5.99 -7.42
CA SER B 43 18.87 5.94 -7.56
C SER B 43 18.13 4.73 -7.08
C SER B 43 18.13 4.74 -7.02
N PRO B 44 18.81 3.57 -6.94
CA PRO B 44 18.26 2.49 -6.14
C PRO B 44 17.98 3.02 -4.74
N ALA B 45 16.96 2.48 -4.09
CA ALA B 45 16.69 2.73 -2.67
C ALA B 45 17.44 1.63 -1.91
N ILE B 46 18.53 1.97 -1.27
CA ILE B 46 19.47 1.01 -0.61
C ILE B 46 19.06 0.87 0.84
N ASN B 47 19.26 -0.30 1.39
CA ASN B 47 19.05 -0.56 2.84
C ASN B 47 17.59 -0.31 3.20
N VAL B 48 16.67 -0.67 2.35
CA VAL B 48 15.24 -0.62 2.69
C VAL B 48 14.88 -1.95 3.36
N ALA B 49 14.38 -1.92 4.56
CA ALA B 49 13.90 -3.12 5.25
C ALA B 49 12.57 -3.55 4.68
N VAL B 50 12.43 -4.86 4.52
CA VAL B 50 11.20 -5.48 4.00
C VAL B 50 10.82 -6.65 4.88
N HIS B 51 9.57 -6.71 5.30
CA HIS B 51 9.05 -7.83 6.10
C HIS B 51 7.92 -8.47 5.33
N VAL B 52 7.95 -9.77 5.17
CA VAL B 52 6.89 -10.51 4.47
C VAL B 52 6.14 -11.31 5.48
N PHE B 53 4.83 -11.27 5.43
CA PHE B 53 3.93 -12.04 6.30
C PHE B 53 3.08 -12.92 5.40
N ARG B 54 2.54 -13.99 5.98
CA ARG B 54 1.62 -14.93 5.31
C ARG B 54 0.41 -15.11 6.21
N LYS B 55 -0.78 -15.08 5.67
CA LYS B 55 -1.98 -15.25 6.49
C LYS B 55 -2.09 -16.70 6.95
N ALA B 56 -2.14 -16.92 8.26
CA ALA B 56 -2.20 -18.26 8.87
C ALA B 56 -3.63 -18.75 8.89
N ALA B 57 -3.80 -20.00 9.33
CA ALA B 57 -5.10 -20.70 9.41
C ALA B 57 -6.09 -19.91 10.29
N ASP B 58 -5.60 -19.21 11.31
CA ASP B 58 -6.46 -18.45 12.26
C ASP B 58 -6.72 -17.04 11.73
N ASP B 59 -6.25 -16.72 10.52
CA ASP B 59 -6.50 -15.41 9.85
C ASP B 59 -5.59 -14.30 10.38
N THR B 60 -4.56 -14.60 11.17
CA THR B 60 -3.55 -13.59 11.60
C THR B 60 -2.42 -13.55 10.57
N TRP B 61 -1.61 -12.50 10.64
CA TRP B 61 -0.44 -12.32 9.78
C TRP B 61 0.79 -12.96 10.42
N GLU B 62 1.25 -14.09 9.94
CA GLU B 62 2.42 -14.80 10.50
C GLU B 62 3.67 -14.24 9.84
N PRO B 63 4.74 -13.92 10.58
CA PRO B 63 6.01 -13.57 9.93
C PRO B 63 6.53 -14.70 9.06
N PHE B 64 6.89 -14.37 7.84
CA PHE B 64 7.28 -15.34 6.81
C PHE B 64 8.75 -15.20 6.46
N ALA B 65 9.15 -13.97 6.15
CA ALA B 65 10.53 -13.69 5.82
C ALA B 65 10.88 -12.22 5.91
N SER B 66 12.15 -11.85 5.96
CA SER B 66 12.51 -10.44 5.95
C SER B 66 13.92 -10.27 5.43
N GLY B 67 14.23 -9.06 5.00
CA GLY B 67 15.57 -8.74 4.55
C GLY B 67 15.67 -7.26 4.24
N LYS B 68 16.76 -6.88 3.60
CA LYS B 68 16.85 -5.48 3.17
C LYS B 68 17.51 -5.37 1.82
N THR B 69 17.18 -4.27 1.14
CA THR B 69 17.67 -4.04 -0.22
C THR B 69 19.17 -3.78 -0.19
N SER B 70 19.80 -4.28 -1.22
CA SER B 70 21.25 -4.14 -1.44
C SER B 70 21.59 -2.76 -2.01
N GLU B 71 22.85 -2.61 -2.45
CA GLU B 71 23.32 -1.37 -3.15
C GLU B 71 22.62 -1.19 -4.49
N SER B 72 22.07 -2.24 -5.06
CA SER B 72 21.34 -2.19 -6.34
C SER B 72 19.84 -1.90 -6.13
N GLY B 73 19.40 -1.77 -4.87
CA GLY B 73 17.96 -1.65 -4.57
C GLY B 73 17.22 -2.94 -4.62
N GLU B 74 17.91 -4.08 -4.70
CA GLU B 74 17.26 -5.40 -4.84
C GLU B 74 17.41 -6.21 -3.56
N LEU B 75 16.40 -7.03 -3.31
CA LEU B 75 16.38 -7.97 -2.19
C LEU B 75 16.07 -9.34 -2.75
N HIS B 76 17.11 -10.16 -2.72
CA HIS B 76 17.13 -11.58 -3.15
C HIS B 76 17.18 -12.45 -1.90
N GLY B 77 16.83 -13.73 -2.04
CA GLY B 77 17.03 -14.75 -0.99
C GLY B 77 15.99 -14.70 0.10
N LEU B 78 14.84 -14.04 -0.05
CA LEU B 78 13.80 -14.04 0.97
C LEU B 78 13.32 -15.46 1.28
N THR B 79 13.08 -16.27 0.25
CA THR B 79 12.44 -17.59 0.48
C THR B 79 12.93 -18.57 -0.54
N THR B 80 12.34 -19.76 -0.49
CA THR B 80 12.68 -20.91 -1.35
C THR B 80 11.39 -21.32 -2.06
N GLU B 81 11.55 -22.03 -3.16
CA GLU B 81 10.41 -22.65 -3.86
C GLU B 81 9.63 -23.55 -2.89
N GLU B 82 10.30 -24.34 -2.04
CA GLU B 82 9.58 -25.25 -1.14
C GLU B 82 8.77 -24.50 -0.13
N GLU B 83 9.36 -23.41 0.45
CA GLU B 83 8.71 -22.75 1.58
C GLU B 83 7.60 -21.77 1.12
N PHE B 84 7.75 -21.29 -0.11
CA PHE B 84 6.83 -20.28 -0.69
C PHE B 84 5.61 -20.98 -1.27
N VAL B 85 4.79 -21.45 -0.38
CA VAL B 85 3.60 -22.24 -0.75
C VAL B 85 2.47 -21.27 -1.11
N GLU B 86 1.38 -21.78 -1.62
N GLU B 86 1.33 -21.79 -1.45
CA GLU B 86 0.14 -20.98 -1.77
CA GLU B 86 0.14 -20.97 -1.78
C GLU B 86 -0.09 -20.19 -0.50
C GLU B 86 -0.32 -20.29 -0.50
N GLY B 87 -0.74 -19.04 -0.62
CA GLY B 87 -1.26 -18.31 0.52
C GLY B 87 -1.51 -16.87 0.16
N ILE B 88 -1.96 -16.13 1.13
CA ILE B 88 -2.06 -14.66 1.00
C ILE B 88 -0.85 -14.09 1.71
N TYR B 89 -0.06 -13.33 1.00
CA TYR B 89 1.17 -12.71 1.46
C TYR B 89 1.02 -11.21 1.55
N LYS B 90 1.68 -10.64 2.52
CA LYS B 90 1.79 -9.19 2.72
C LYS B 90 3.26 -8.81 2.69
N VAL B 91 3.70 -8.06 1.70
CA VAL B 91 5.07 -7.52 1.63
C VAL B 91 5.02 -6.12 2.18
N GLU B 92 5.74 -5.87 3.27
N GLU B 92 5.54 -5.92 3.39
CA GLU B 92 5.69 -4.59 3.99
CA GLU B 92 5.69 -4.58 4.00
C GLU B 92 7.04 -3.95 3.81
C GLU B 92 7.07 -4.05 3.63
N ILE B 93 7.08 -2.88 3.04
CA ILE B 93 8.29 -2.16 2.67
C ILE B 93 8.41 -1.00 3.63
N ASP B 94 9.45 -0.97 4.40
CA ASP B 94 9.58 -0.01 5.52
C ASP B 94 10.09 1.37 5.06
N THR B 95 9.18 2.05 4.39
CA THR B 95 9.50 3.35 3.77
C THR B 95 9.79 4.41 4.85
N LYS B 96 9.06 4.43 5.94
CA LYS B 96 9.32 5.48 6.96
C LYS B 96 10.74 5.31 7.46
N SER B 97 11.10 4.08 7.82
CA SER B 97 12.47 3.85 8.33
C SER B 97 13.50 4.31 7.31
N TYR B 98 13.30 4.01 6.02
CA TYR B 98 14.17 4.44 4.91
C TYR B 98 14.37 5.95 4.89
N TRP B 99 13.24 6.68 4.87
CA TRP B 99 13.30 8.14 4.76
C TRP B 99 13.90 8.75 6.05
N LYS B 100 13.53 8.24 7.20
CA LYS B 100 14.06 8.79 8.48
C LYS B 100 15.57 8.60 8.52
N ALA B 101 16.08 7.48 8.02
CA ALA B 101 17.55 7.20 8.03
C ALA B 101 18.25 8.18 7.10
N LEU B 102 17.57 8.82 6.15
CA LEU B 102 18.12 9.87 5.25
C LEU B 102 17.81 11.27 5.82
N GLY B 103 17.19 11.31 6.97
CA GLY B 103 16.96 12.60 7.64
C GLY B 103 15.68 13.30 7.20
N ILE B 104 14.77 12.57 6.55
CA ILE B 104 13.51 13.10 5.93
C ILE B 104 12.35 12.59 6.77
N SER B 105 11.38 13.48 7.03
N SER B 105 11.35 13.43 7.00
CA SER B 105 10.08 13.18 7.67
CA SER B 105 10.13 13.03 7.72
C SER B 105 9.11 12.78 6.56
C SER B 105 9.02 12.76 6.69
N PRO B 106 8.79 11.48 6.36
CA PRO B 106 7.88 11.11 5.28
C PRO B 106 6.43 11.02 5.77
N PHE B 107 5.52 10.73 4.88
CA PHE B 107 4.08 10.67 5.21
C PHE B 107 3.70 9.27 5.71
N HIS B 108 4.02 8.25 4.94
CA HIS B 108 3.52 6.91 5.19
C HIS B 108 4.35 6.20 6.26
N GLU B 109 3.72 5.22 6.89
CA GLU B 109 4.46 4.30 7.81
C GLU B 109 5.23 3.27 6.98
N HIS B 110 4.60 2.68 5.99
CA HIS B 110 5.20 1.62 5.17
C HIS B 110 4.36 1.48 3.94
N ALA B 111 4.83 0.82 2.93
CA ALA B 111 4.00 0.44 1.78
C ALA B 111 3.67 -1.01 1.96
N GLU B 112 2.46 -1.39 1.66
CA GLU B 112 1.98 -2.76 1.79
C GLU B 112 1.64 -3.26 0.40
N VAL B 113 1.94 -4.51 0.17
CA VAL B 113 1.54 -5.17 -1.07
C VAL B 113 0.96 -6.49 -0.62
N VAL B 114 -0.33 -6.69 -0.81
CA VAL B 114 -1.03 -7.88 -0.27
C VAL B 114 -1.60 -8.64 -1.45
N PHE B 115 -1.32 -9.90 -1.61
CA PHE B 115 -1.70 -10.68 -2.79
C PHE B 115 -1.74 -12.15 -2.51
N THR B 116 -2.59 -12.84 -3.23
CA THR B 116 -2.57 -14.32 -3.23
C THR B 116 -1.47 -14.79 -4.16
N ALA B 117 -0.64 -15.72 -3.72
CA ALA B 117 0.48 -16.26 -4.49
C ALA B 117 0.27 -17.73 -4.76
N ASN B 118 0.74 -18.17 -5.91
CA ASN B 118 0.88 -19.58 -6.31
C ASN B 118 -0.45 -20.30 -6.42
N ASP B 119 -1.56 -19.64 -6.62
CA ASP B 119 -2.86 -20.35 -6.64
C ASP B 119 -3.10 -21.07 -7.97
N SER B 120 -2.32 -20.80 -9.02
CA SER B 120 -2.34 -21.58 -10.28
C SER B 120 -1.02 -22.32 -10.43
N GLY B 121 -0.34 -22.62 -9.35
CA GLY B 121 0.95 -23.27 -9.36
C GLY B 121 2.05 -22.27 -9.07
N PRO B 122 3.29 -22.72 -8.94
CA PRO B 122 4.39 -21.86 -8.57
C PRO B 122 4.66 -20.80 -9.62
N ARG B 123 4.84 -19.55 -9.14
CA ARG B 123 5.24 -18.41 -9.97
C ARG B 123 6.37 -17.69 -9.30
N ARG B 124 7.06 -16.87 -10.06
CA ARG B 124 8.11 -15.98 -9.54
C ARG B 124 7.55 -14.56 -9.52
N TYR B 125 7.61 -13.95 -8.36
CA TYR B 125 7.05 -12.61 -8.13
C TYR B 125 8.18 -11.64 -7.89
N THR B 126 8.19 -10.53 -8.64
CA THR B 126 9.01 -9.36 -8.30
C THR B 126 8.05 -8.26 -7.89
N ILE B 127 8.20 -7.75 -6.69
CA ILE B 127 7.47 -6.56 -6.19
C ILE B 127 8.39 -5.38 -6.37
N ALA B 128 8.04 -4.47 -7.27
CA ALA B 128 8.84 -3.27 -7.51
C ALA B 128 8.14 -2.09 -6.88
N ALA B 129 8.92 -1.19 -6.33
CA ALA B 129 8.37 0.00 -5.66
C ALA B 129 9.20 1.21 -6.03
N LEU B 130 8.54 2.36 -6.08
CA LEU B 130 9.15 3.66 -6.39
C LEU B 130 8.75 4.62 -5.28
N LEU B 131 9.72 5.18 -4.59
CA LEU B 131 9.43 5.94 -3.37
C LEU B 131 9.69 7.42 -3.50
N SER B 132 8.76 8.20 -2.97
CA SER B 132 8.92 9.65 -2.69
C SER B 132 8.48 9.90 -1.26
N PRO B 133 8.80 11.05 -0.65
CA PRO B 133 8.45 11.22 0.75
C PRO B 133 6.95 11.18 1.03
N TYR B 134 6.11 11.65 0.14
CA TYR B 134 4.67 11.68 0.34
C TYR B 134 3.89 10.79 -0.60
N SER B 135 4.53 9.85 -1.27
N SER B 135 4.59 9.89 -1.27
CA SER B 135 3.89 9.05 -2.33
CA SER B 135 3.98 9.01 -2.29
C SER B 135 4.72 7.81 -2.60
C SER B 135 4.75 7.72 -2.44
N TYR B 136 4.10 6.75 -3.01
CA TYR B 136 4.82 5.61 -3.58
C TYR B 136 3.95 4.94 -4.60
N SER B 137 4.64 4.25 -5.50
N SER B 137 4.58 4.03 -5.31
CA SER B 137 4.05 3.36 -6.51
CA SER B 137 3.89 3.16 -6.27
C SER B 137 4.54 1.95 -6.26
C SER B 137 4.58 1.79 -6.26
N THR B 138 3.73 0.97 -6.63
N THR B 138 3.76 0.77 -6.41
CA THR B 138 4.23 -0.40 -6.64
CA THR B 138 4.22 -0.63 -6.47
C THR B 138 3.65 -1.13 -7.83
C THR B 138 3.56 -1.29 -7.67
N THR B 139 4.35 -2.14 -8.32
CA THR B 139 3.84 -3.03 -9.37
C THR B 139 4.35 -4.42 -9.08
N ALA B 140 3.69 -5.39 -9.68
CA ALA B 140 4.12 -6.79 -9.59
C ALA B 140 4.50 -7.30 -10.97
N VAL B 141 5.59 -7.99 -11.05
CA VAL B 141 5.99 -8.75 -12.26
C VAL B 141 5.95 -10.22 -11.94
N VAL B 142 5.00 -10.94 -12.55
CA VAL B 142 4.74 -12.35 -12.22
C VAL B 142 5.11 -13.19 -13.43
N THR B 143 6.04 -14.13 -13.28
CA THR B 143 6.50 -14.97 -14.40
C THR B 143 6.37 -16.43 -14.01
N ASN B 144 6.32 -17.26 -15.04
CA ASN B 144 6.04 -18.71 -14.93
C ASN B 144 7.32 -19.41 -15.39
N PRO B 145 8.06 -20.09 -14.48
CA PRO B 145 9.28 -20.80 -14.84
C PRO B 145 9.01 -22.28 -15.14
#